data_1HJC
#
_entry.id   1HJC
#
_cell.length_a   51.094
_cell.length_b   104.073
_cell.length_c   116.185
_cell.angle_alpha   90.00
_cell.angle_beta   90.00
_cell.angle_gamma   90.00
#
_symmetry.space_group_name_H-M   'P 21 21 21'
#
loop_
_entity.id
_entity.type
_entity.pdbx_description
1 polymer 'RUNT-RELATED TRANSCRIPTION FACTOR 1'
2 polymer "DNA (5'-(*GP*AP*AP*CP*TP*CP*TP*GP*TP*GP*GP* TP*TP*GP*CP*G)-3')"
3 polymer "DNA (5'-(CP*CP*GP*CP*AP*AP*CP*CP*AP*CP*AP* GP*AP*GP*TP*T)-3')"
4 water water
#
loop_
_entity_poly.entity_id
_entity_poly.type
_entity_poly.pdbx_seq_one_letter_code
_entity_poly.pdbx_strand_id
1 'polypeptide(L)'
;GELVRTDSPNFLCSVLPTHWRCNKTLPIAFKVVALGDVPDGTLVTVMAGNDENYSAELRNATAAMKNQVARFNDLRFVGR
SGRGKSFTLTITVFTNPPQVATYHRAIKITVDGPREPRRHRQK
;
A,D
2 'polydeoxyribonucleotide' (DG)(DA)(DA)(DC)(DT)(DC)(DT)(DG)(DT)(DG)(DG)(DT)(DT)(DG)(DC)(DG) B,E
3 'polydeoxyribonucleotide' (DC)(DC)(DG)(DC)(DA)(DA)(DC)(DC)(DA)(DC)(DA)(DG)(DA)(DG)(DT)(DT) C,F
#
loop_
_chem_comp.id
_chem_comp.type
_chem_comp.name
_chem_comp.formula
DA DNA linking 2'-DEOXYADENOSINE-5'-MONOPHOSPHATE 'C10 H14 N5 O6 P'
DC DNA linking 2'-DEOXYCYTIDINE-5'-MONOPHOSPHATE 'C9 H14 N3 O7 P'
DG DNA linking 2'-DEOXYGUANOSINE-5'-MONOPHOSPHATE 'C10 H14 N5 O7 P'
DT DNA linking THYMIDINE-5'-MONOPHOSPHATE 'C10 H15 N2 O8 P'
#
# COMPACT_ATOMS: atom_id res chain seq x y z
N GLY A 1 -7.90 17.44 8.11
CA GLY A 1 -6.52 17.53 7.53
C GLY A 1 -6.40 16.66 6.29
N GLU A 2 -5.18 16.30 5.91
CA GLU A 2 -4.99 15.45 4.73
C GLU A 2 -5.87 14.20 4.76
N LEU A 3 -6.40 13.83 3.59
CA LEU A 3 -7.28 12.66 3.49
C LEU A 3 -6.95 11.80 2.30
N VAL A 4 -7.08 10.49 2.45
CA VAL A 4 -6.81 9.60 1.34
C VAL A 4 -8.09 8.80 1.11
N ARG A 5 -8.22 8.23 -0.09
CA ARG A 5 -9.41 7.45 -0.37
C ARG A 5 -9.16 6.03 0.06
N THR A 6 -10.22 5.33 0.44
CA THR A 6 -10.06 3.95 0.87
C THR A 6 -10.61 3.07 -0.21
N ASP A 7 -10.74 1.80 0.15
CA ASP A 7 -11.25 0.73 -0.70
C ASP A 7 -12.71 1.03 -0.99
N SER A 8 -13.33 1.79 -0.09
CA SER A 8 -14.73 2.11 -0.22
C SER A 8 -15.05 3.53 -0.60
N PRO A 9 -16.03 3.68 -1.50
CA PRO A 9 -16.53 4.95 -2.03
C PRO A 9 -17.32 5.72 -0.99
N ASN A 10 -17.48 5.14 0.20
CA ASN A 10 -18.22 5.81 1.29
C ASN A 10 -17.33 6.28 2.45
N PHE A 11 -16.05 5.90 2.43
CA PHE A 11 -15.18 6.32 3.50
C PHE A 11 -13.81 6.82 3.09
N LEU A 12 -13.37 7.84 3.80
CA LEU A 12 -12.06 8.43 3.56
C LEU A 12 -11.37 8.56 4.92
N CYS A 13 -10.11 8.19 5.00
CA CYS A 13 -9.41 8.31 6.27
C CYS A 13 -8.23 9.23 6.13
N SER A 14 -7.67 9.61 7.26
CA SER A 14 -6.53 10.49 7.26
C SER A 14 -5.36 9.79 6.59
N VAL A 15 -4.37 10.57 6.16
CA VAL A 15 -3.19 9.99 5.56
C VAL A 15 -2.28 9.67 6.71
N LEU A 16 -1.59 8.53 6.61
CA LEU A 16 -0.67 8.09 7.65
C LEU A 16 0.79 8.22 7.21
N PRO A 17 1.70 8.41 8.17
CA PRO A 17 3.12 8.54 7.86
C PRO A 17 3.54 7.26 7.14
N THR A 18 4.54 7.33 6.29
CA THR A 18 4.97 6.15 5.55
C THR A 18 5.65 5.16 6.48
N HIS A 19 6.40 5.70 7.44
CA HIS A 19 7.18 4.91 8.38
C HIS A 19 7.08 5.50 9.77
N TRP A 20 6.65 4.71 10.74
CA TRP A 20 6.54 5.22 12.08
C TRP A 20 7.02 4.24 13.13
N ARG A 21 7.47 4.80 14.24
CA ARG A 21 8.00 4.03 15.36
C ARG A 21 6.88 3.41 16.19
N CYS A 22 7.04 2.14 16.55
CA CYS A 22 6.02 1.47 17.33
C CYS A 22 5.79 2.18 18.64
N ASN A 23 4.57 2.00 19.14
CA ASN A 23 4.11 2.59 20.38
C ASN A 23 4.41 4.08 20.51
N LYS A 24 4.46 4.79 19.39
CA LYS A 24 4.70 6.21 19.44
C LYS A 24 3.53 6.94 18.83
N THR A 25 3.15 8.04 19.46
CA THR A 25 2.05 8.85 18.98
C THR A 25 2.28 9.26 17.52
N LEU A 26 1.18 9.36 16.78
CA LEU A 26 1.23 9.74 15.36
C LEU A 26 1.33 11.25 15.22
N PRO A 27 1.93 11.73 14.12
CA PRO A 27 2.08 13.17 13.88
C PRO A 27 0.75 13.87 13.63
N ILE A 28 -0.29 13.09 13.33
CA ILE A 28 -1.62 13.65 13.11
C ILE A 28 -2.62 12.76 13.83
N ALA A 29 -3.83 13.27 14.03
CA ALA A 29 -4.87 12.47 14.67
C ALA A 29 -5.57 11.73 13.57
N PHE A 30 -5.49 10.41 13.61
CA PHE A 30 -6.13 9.61 12.59
C PHE A 30 -7.66 9.71 12.66
N LYS A 31 -8.30 10.03 11.55
CA LYS A 31 -9.76 10.15 11.52
C LYS A 31 -10.38 9.38 10.34
N VAL A 32 -11.63 8.98 10.49
CA VAL A 32 -12.33 8.28 9.40
C VAL A 32 -13.55 9.11 8.99
N VAL A 33 -13.64 9.46 7.71
CA VAL A 33 -14.76 10.26 7.24
C VAL A 33 -15.82 9.49 6.44
N ALA A 34 -17.09 9.69 6.82
CA ALA A 34 -18.18 9.01 6.14
C ALA A 34 -18.88 9.99 5.22
N LEU A 35 -18.96 9.64 3.94
CA LEU A 35 -19.63 10.50 2.97
C LEU A 35 -21.13 10.20 3.05
N GLY A 36 -21.47 8.92 3.08
CA GLY A 36 -22.86 8.54 3.20
C GLY A 36 -23.25 8.90 4.61
N ASP A 37 -24.42 8.47 5.07
CA ASP A 37 -24.85 8.78 6.43
C ASP A 37 -24.62 7.67 7.44
N VAL A 38 -23.97 8.05 8.53
CA VAL A 38 -23.71 7.12 9.62
C VAL A 38 -24.20 7.79 10.89
N PRO A 39 -25.16 7.14 11.57
CA PRO A 39 -25.71 7.72 12.80
C PRO A 39 -24.62 7.86 13.85
N ASP A 40 -24.69 8.94 14.63
CA ASP A 40 -23.71 9.17 15.68
C ASP A 40 -23.66 7.96 16.61
N GLY A 41 -22.57 7.84 17.37
CA GLY A 41 -22.41 6.72 18.28
C GLY A 41 -21.88 5.46 17.64
N THR A 42 -22.11 5.28 16.35
CA THR A 42 -21.65 4.09 15.62
C THR A 42 -20.15 3.88 15.77
N LEU A 43 -19.80 2.69 16.25
CA LEU A 43 -18.41 2.34 16.46
C LEU A 43 -17.61 2.07 15.21
N VAL A 44 -16.33 2.41 15.28
CA VAL A 44 -15.42 2.19 14.19
C VAL A 44 -14.12 1.73 14.82
N THR A 45 -13.58 0.66 14.29
CA THR A 45 -12.32 0.14 14.77
C THR A 45 -11.41 0.12 13.57
N VAL A 46 -10.14 -0.12 13.82
CA VAL A 46 -9.17 -0.20 12.76
C VAL A 46 -8.20 -1.34 13.08
N MET A 47 -7.91 -2.18 12.10
CA MET A 47 -7.00 -3.29 12.31
C MET A 47 -5.87 -3.15 11.32
N ALA A 48 -4.67 -3.54 11.71
CA ALA A 48 -3.52 -3.42 10.83
C ALA A 48 -2.88 -4.76 10.55
N GLY A 49 -3.17 -5.31 9.37
CA GLY A 49 -2.63 -6.61 8.99
C GLY A 49 -1.40 -6.54 8.10
N ASN A 50 -0.89 -7.71 7.74
CA ASN A 50 0.33 -7.79 6.92
C ASN A 50 0.46 -9.24 6.46
N ASP A 51 1.30 -9.49 5.45
CA ASP A 51 1.55 -10.85 4.95
C ASP A 51 2.12 -11.66 6.10
N GLU A 52 3.05 -11.05 6.83
CA GLU A 52 3.72 -11.66 7.98
C GLU A 52 2.83 -11.55 9.22
N ASN A 53 2.84 -10.39 9.87
CA ASN A 53 2.03 -10.14 11.06
C ASN A 53 0.54 -10.10 10.58
N TYR A 54 -0.36 -10.84 11.22
CA TYR A 54 -1.77 -10.88 10.79
C TYR A 54 -2.71 -9.79 11.30
N SER A 55 -2.51 -9.35 12.53
CA SER A 55 -3.31 -8.27 13.08
C SER A 55 -2.48 -7.71 14.20
N ALA A 56 -1.57 -6.81 13.85
CA ALA A 56 -0.67 -6.19 14.80
C ALA A 56 -1.39 -5.63 16.02
N GLU A 57 -0.76 -5.83 17.17
CA GLU A 57 -1.30 -5.34 18.41
C GLU A 57 -1.39 -3.81 18.27
N LEU A 58 -2.59 -3.27 18.49
CA LEU A 58 -2.81 -1.83 18.40
C LEU A 58 -3.20 -1.19 19.71
N ARG A 59 -3.14 0.14 19.75
CA ARG A 59 -3.54 0.90 20.93
C ARG A 59 -4.55 1.98 20.54
N ASN A 60 -5.68 2.00 21.25
CA ASN A 60 -6.75 2.97 21.02
C ASN A 60 -7.28 2.87 19.60
N ALA A 61 -7.57 1.67 19.12
CA ALA A 61 -8.07 1.52 17.76
C ALA A 61 -9.57 1.44 17.64
N THR A 62 -10.28 2.13 18.52
CA THR A 62 -11.73 2.10 18.46
C THR A 62 -12.30 3.46 18.76
N ALA A 63 -13.10 3.97 17.84
CA ALA A 63 -13.73 5.28 17.99
C ALA A 63 -15.20 5.27 17.59
N ALA A 64 -15.93 6.30 18.01
CA ALA A 64 -17.35 6.44 17.70
C ALA A 64 -17.56 7.59 16.74
N MET A 65 -18.38 7.34 15.71
CA MET A 65 -18.68 8.33 14.69
C MET A 65 -19.46 9.53 15.21
N LYS A 66 -18.82 10.69 15.27
CA LYS A 66 -19.48 11.91 15.74
C LYS A 66 -19.60 12.90 14.59
N ASN A 67 -20.80 13.00 14.01
CA ASN A 67 -21.07 13.92 12.91
C ASN A 67 -20.26 13.56 11.63
N GLN A 68 -20.37 12.30 11.23
CA GLN A 68 -19.72 11.76 10.04
C GLN A 68 -18.21 11.53 10.15
N VAL A 69 -17.64 11.86 11.31
CA VAL A 69 -16.20 11.67 11.50
C VAL A 69 -15.87 10.93 12.79
N ALA A 70 -15.04 9.89 12.69
CA ALA A 70 -14.62 9.14 13.88
C ALA A 70 -13.18 9.57 14.21
N ARG A 71 -13.04 10.45 15.19
CA ARG A 71 -11.73 10.95 15.58
C ARG A 71 -11.06 10.01 16.58
N PHE A 72 -10.03 9.31 16.11
CA PHE A 72 -9.31 8.37 16.97
C PHE A 72 -8.38 9.13 17.90
N ASN A 73 -8.50 8.86 19.20
CA ASN A 73 -7.67 9.53 20.17
C ASN A 73 -6.33 8.82 20.35
N ASP A 74 -5.26 9.43 19.87
CA ASP A 74 -3.93 8.84 20.01
C ASP A 74 -3.85 7.37 19.60
N LEU A 75 -4.21 7.07 18.36
CA LEU A 75 -4.13 5.70 17.86
C LEU A 75 -2.63 5.36 17.87
N ARG A 76 -2.28 4.09 18.08
CA ARG A 76 -0.86 3.73 18.07
C ARG A 76 -0.62 2.31 17.60
N PHE A 77 0.51 2.10 16.93
CA PHE A 77 0.87 0.77 16.45
C PHE A 77 1.95 0.18 17.35
N VAL A 78 1.63 -0.89 18.06
CA VAL A 78 2.60 -1.51 18.95
C VAL A 78 3.36 -2.64 18.26
N GLY A 79 2.66 -3.37 17.39
CA GLY A 79 3.31 -4.46 16.67
C GLY A 79 4.09 -3.97 15.46
N ARG A 80 5.24 -4.58 15.22
CA ARG A 80 6.07 -4.18 14.09
C ARG A 80 5.55 -4.85 12.82
N SER A 81 5.88 -4.30 11.66
CA SER A 81 5.40 -4.84 10.40
C SER A 81 6.40 -5.68 9.64
N GLY A 82 7.68 -5.58 10.03
CA GLY A 82 8.71 -6.35 9.35
C GLY A 82 9.59 -5.54 8.44
N ARG A 83 10.90 -5.76 8.54
CA ARG A 83 11.85 -5.02 7.72
C ARG A 83 11.33 -4.89 6.30
N GLY A 84 11.35 -3.66 5.80
CA GLY A 84 10.90 -3.38 4.46
C GLY A 84 9.44 -3.63 4.09
N LYS A 85 8.58 -3.89 5.08
CA LYS A 85 7.17 -4.16 4.80
C LYS A 85 6.18 -3.26 5.53
N SER A 86 5.01 -3.06 4.94
CA SER A 86 4.00 -2.19 5.52
C SER A 86 2.71 -2.85 5.98
N PHE A 87 1.95 -2.09 6.73
CA PHE A 87 0.66 -2.50 7.26
C PHE A 87 -0.47 -1.98 6.40
N THR A 88 -1.43 -2.85 6.12
CA THR A 88 -2.61 -2.47 5.37
C THR A 88 -3.65 -2.36 6.47
N LEU A 89 -4.31 -1.23 6.64
CA LEU A 89 -5.31 -1.25 7.70
C LEU A 89 -6.74 -1.34 7.21
N THR A 90 -7.52 -2.06 7.99
CA THR A 90 -8.93 -2.33 7.74
C THR A 90 -9.83 -1.49 8.61
N ILE A 91 -10.69 -0.69 7.97
CA ILE A 91 -11.60 0.13 8.73
C ILE A 91 -12.95 -0.58 8.74
N THR A 92 -13.47 -0.83 9.92
CA THR A 92 -14.75 -1.49 10.04
C THR A 92 -15.66 -0.51 10.75
N VAL A 93 -16.78 -0.19 10.12
CA VAL A 93 -17.74 0.75 10.70
C VAL A 93 -18.96 -0.08 11.06
N PHE A 94 -19.22 -0.18 12.36
CA PHE A 94 -20.29 -1.02 12.87
C PHE A 94 -21.72 -0.54 12.84
N THR A 95 -22.22 -0.40 11.62
CA THR A 95 -23.59 -0.01 11.39
C THR A 95 -24.23 -1.33 11.00
N ASN A 96 -25.52 -1.32 10.70
CA ASN A 96 -26.20 -2.55 10.29
C ASN A 96 -26.53 -2.61 8.81
N PRO A 97 -25.78 -3.43 8.06
CA PRO A 97 -24.68 -4.26 8.54
C PRO A 97 -23.40 -3.46 8.62
N PRO A 98 -22.34 -4.08 9.15
CA PRO A 98 -21.05 -3.40 9.26
C PRO A 98 -20.49 -3.11 7.88
N GLN A 99 -19.92 -1.93 7.71
CA GLN A 99 -19.34 -1.55 6.45
C GLN A 99 -17.82 -1.68 6.63
N VAL A 100 -17.10 -1.90 5.54
CA VAL A 100 -15.66 -2.04 5.62
C VAL A 100 -14.90 -1.22 4.58
N ALA A 101 -13.80 -0.61 5.01
CA ALA A 101 -12.96 0.22 4.15
C ALA A 101 -11.50 -0.13 4.40
N THR A 102 -10.82 -0.60 3.37
CA THR A 102 -9.43 -0.98 3.50
C THR A 102 -8.49 0.05 2.92
N TYR A 103 -7.41 0.31 3.67
CA TYR A 103 -6.40 1.30 3.33
C TYR A 103 -5.09 0.55 3.10
N HIS A 104 -4.98 -0.04 1.91
CA HIS A 104 -3.81 -0.83 1.55
C HIS A 104 -2.44 -0.18 1.77
N ARG A 105 -1.46 -1.00 2.13
CA ARG A 105 -0.07 -0.57 2.37
C ARG A 105 -0.01 0.87 2.83
N ALA A 106 -0.37 1.08 4.08
CA ALA A 106 -0.41 2.42 4.65
C ALA A 106 0.78 2.88 5.48
N ILE A 107 1.33 2.00 6.29
CA ILE A 107 2.39 2.45 7.14
C ILE A 107 3.26 1.32 7.62
N LYS A 108 4.57 1.56 7.66
CA LYS A 108 5.52 0.56 8.13
C LYS A 108 5.80 0.91 9.58
N ILE A 109 5.96 -0.09 10.43
CA ILE A 109 6.21 0.18 11.85
C ILE A 109 7.44 -0.59 12.32
N THR A 110 8.50 0.15 12.63
CA THR A 110 9.72 -0.47 13.12
C THR A 110 9.98 -0.01 14.53
N VAL A 111 10.89 -0.71 15.20
CA VAL A 111 11.25 -0.37 16.57
C VAL A 111 11.80 1.05 16.72
N ASP A 112 12.61 1.47 15.75
CA ASP A 112 13.22 2.80 15.79
C ASP A 112 12.39 3.89 15.14
N GLY A 113 11.70 3.53 14.07
CA GLY A 113 10.93 4.53 13.34
C GLY A 113 11.99 5.23 12.49
N PRO A 114 11.65 6.29 11.75
CA PRO A 114 12.65 6.95 10.93
C PRO A 114 13.78 7.52 11.79
N ARG A 115 15.01 7.34 11.35
CA ARG A 115 16.16 7.82 12.11
C ARG A 115 17.24 8.46 11.27
N GLU A 116 17.95 9.39 11.91
CA GLU A 116 19.05 10.10 11.30
C GLU A 116 20.08 9.04 10.88
N PRO A 117 20.70 9.22 9.71
CA PRO A 117 21.69 8.22 9.28
C PRO A 117 22.83 8.09 10.29
N ARG A 118 23.59 7.00 10.19
CA ARG A 118 24.69 6.73 11.11
C ARG A 118 26.09 6.93 10.50
N GLY D 1 13.84 -11.65 -3.58
CA GLY D 1 13.03 -12.83 -4.02
C GLY D 1 11.88 -13.15 -3.09
N GLU D 2 11.35 -12.12 -2.45
CA GLU D 2 10.23 -12.27 -1.52
C GLU D 2 8.99 -11.54 -2.07
N LEU D 3 7.84 -12.20 -2.01
CA LEU D 3 6.60 -11.63 -2.53
C LEU D 3 5.68 -11.02 -1.51
N VAL D 4 4.70 -10.27 -2.00
CA VAL D 4 3.71 -9.62 -1.14
C VAL D 4 2.33 -9.56 -1.83
N ARG D 5 1.29 -9.72 -1.02
CA ARG D 5 -0.08 -9.70 -1.48
C ARG D 5 -0.41 -8.36 -2.07
N THR D 6 -1.19 -8.34 -3.14
CA THR D 6 -1.56 -7.07 -3.72
C THR D 6 -2.98 -6.70 -3.34
N ASP D 7 -3.58 -5.99 -4.28
CA ASP D 7 -4.95 -5.53 -4.23
C ASP D 7 -5.75 -6.84 -4.11
N SER D 8 -5.34 -7.82 -4.92
CA SER D 8 -5.98 -9.12 -4.98
C SER D 8 -5.16 -10.23 -4.33
N PRO D 9 -5.82 -11.06 -3.51
CA PRO D 9 -5.17 -12.17 -2.80
C PRO D 9 -4.60 -13.23 -3.72
N ASN D 10 -5.06 -13.24 -4.97
CA ASN D 10 -4.61 -14.23 -5.93
C ASN D 10 -3.48 -13.76 -6.81
N PHE D 11 -2.94 -12.61 -6.48
CA PHE D 11 -1.82 -12.07 -7.23
C PHE D 11 -0.87 -11.45 -6.26
N LEU D 12 0.40 -11.80 -6.38
CA LEU D 12 1.41 -11.24 -5.51
C LEU D 12 2.60 -10.90 -6.37
N CYS D 13 3.40 -9.95 -5.91
CA CYS D 13 4.61 -9.61 -6.63
C CYS D 13 5.77 -9.27 -5.73
N SER D 14 6.95 -9.32 -6.33
CA SER D 14 8.20 -9.05 -5.64
C SER D 14 8.06 -7.83 -4.77
N VAL D 15 8.85 -7.77 -3.71
CA VAL D 15 8.81 -6.61 -2.88
C VAL D 15 9.75 -5.66 -3.60
N LEU D 16 9.51 -4.36 -3.47
CA LEU D 16 10.33 -3.36 -4.13
C LEU D 16 11.00 -2.42 -3.12
N PRO D 17 12.06 -1.73 -3.55
CA PRO D 17 12.76 -0.80 -2.67
C PRO D 17 11.74 0.24 -2.20
N THR D 18 12.10 1.08 -1.26
CA THR D 18 11.16 2.09 -0.81
C THR D 18 11.41 3.31 -1.68
N HIS D 19 12.68 3.51 -2.01
CA HIS D 19 13.12 4.65 -2.78
C HIS D 19 14.19 4.14 -3.73
N TRP D 20 13.98 4.30 -5.03
CA TRP D 20 14.96 3.86 -6.02
C TRP D 20 15.23 4.93 -7.07
N ARG D 21 16.42 4.93 -7.64
CA ARG D 21 16.83 5.90 -8.65
C ARG D 21 16.27 5.62 -10.04
N CYS D 22 15.58 6.59 -10.61
CA CYS D 22 14.97 6.39 -11.92
C CYS D 22 15.92 5.85 -12.96
N ASN D 23 15.35 5.11 -13.90
CA ASN D 23 16.07 4.49 -14.99
C ASN D 23 17.23 3.64 -14.54
N LYS D 24 17.11 3.08 -13.35
CA LYS D 24 18.15 2.22 -12.80
C LYS D 24 17.59 0.84 -12.58
N THR D 25 18.42 -0.16 -12.85
CA THR D 25 18.03 -1.53 -12.70
C THR D 25 17.73 -1.81 -11.24
N LEU D 26 16.56 -2.37 -10.98
CA LEU D 26 16.16 -2.68 -9.62
C LEU D 26 17.15 -3.62 -8.92
N PRO D 27 17.14 -3.60 -7.57
CA PRO D 27 18.03 -4.44 -6.77
C PRO D 27 17.64 -5.90 -6.85
N ILE D 28 16.39 -6.16 -7.27
CA ILE D 28 15.89 -7.53 -7.41
C ILE D 28 15.18 -7.69 -8.75
N ALA D 29 14.71 -8.90 -9.06
CA ALA D 29 14.02 -9.14 -10.32
C ALA D 29 12.52 -9.22 -10.10
N PHE D 30 11.82 -8.21 -10.57
CA PHE D 30 10.39 -8.15 -10.40
C PHE D 30 9.61 -9.30 -11.05
N LYS D 31 8.69 -9.87 -10.30
CA LYS D 31 7.88 -10.93 -10.84
C LYS D 31 6.45 -10.87 -10.33
N VAL D 32 5.54 -11.44 -11.10
CA VAL D 32 4.16 -11.44 -10.67
C VAL D 32 3.77 -12.89 -10.57
N VAL D 33 3.12 -13.24 -9.47
CA VAL D 33 2.70 -14.60 -9.26
C VAL D 33 1.21 -14.73 -9.16
N ALA D 34 0.65 -15.69 -9.89
CA ALA D 34 -0.79 -15.88 -9.87
C ALA D 34 -1.13 -17.16 -9.15
N LEU D 35 -2.00 -17.06 -8.16
CA LEU D 35 -2.41 -18.24 -7.39
C LEU D 35 -3.51 -19.02 -8.10
N GLY D 36 -4.17 -18.38 -9.05
CA GLY D 36 -5.22 -19.05 -9.79
C GLY D 36 -4.65 -19.50 -11.13
N ASP D 37 -5.23 -20.52 -11.75
CA ASP D 37 -4.71 -21.00 -13.03
C ASP D 37 -4.64 -19.89 -14.04
N VAL D 38 -3.47 -19.74 -14.65
CA VAL D 38 -3.27 -18.74 -15.67
C VAL D 38 -2.49 -19.40 -16.79
N PRO D 39 -3.15 -19.65 -17.93
CA PRO D 39 -2.52 -20.29 -19.09
C PRO D 39 -1.16 -19.71 -19.45
N ASP D 40 -0.16 -20.56 -19.57
CA ASP D 40 1.18 -20.13 -19.90
C ASP D 40 1.14 -19.20 -21.10
N GLY D 41 2.09 -18.27 -21.16
CA GLY D 41 2.13 -17.33 -22.26
C GLY D 41 1.32 -16.05 -22.06
N THR D 42 0.22 -16.12 -21.30
CA THR D 42 -0.60 -14.95 -21.05
C THR D 42 0.25 -13.76 -20.65
N LEU D 43 0.01 -12.62 -21.27
CA LEU D 43 0.78 -11.41 -21.00
C LEU D 43 0.45 -10.68 -19.71
N VAL D 44 1.46 -10.03 -19.15
CA VAL D 44 1.30 -9.28 -17.92
C VAL D 44 2.08 -7.99 -18.01
N THR D 45 1.40 -6.87 -17.79
CA THR D 45 2.09 -5.58 -17.85
C THR D 45 1.90 -4.80 -16.57
N VAL D 46 2.93 -4.01 -16.25
CA VAL D 46 2.89 -3.16 -15.07
C VAL D 46 2.72 -1.73 -15.54
N MET D 47 1.85 -0.99 -14.88
CA MET D 47 1.67 0.42 -15.19
C MET D 47 1.87 1.14 -13.87
N ALA D 48 2.67 2.20 -13.89
CA ALA D 48 2.96 2.94 -12.69
C ALA D 48 2.38 4.34 -12.73
N GLY D 49 1.51 4.64 -11.78
CA GLY D 49 0.91 5.96 -11.73
C GLY D 49 0.93 6.53 -10.32
N ASN D 50 0.23 7.63 -10.14
CA ASN D 50 0.14 8.31 -8.85
C ASN D 50 -0.56 9.67 -9.09
N ASP D 51 -1.33 10.12 -8.10
CA ASP D 51 -2.10 11.35 -8.19
C ASP D 51 -1.52 12.48 -9.00
N GLU D 52 -0.28 12.85 -8.74
CA GLU D 52 0.33 13.95 -9.47
C GLU D 52 1.04 13.51 -10.75
N ASN D 53 1.01 12.21 -11.05
CA ASN D 53 1.71 11.68 -12.22
C ASN D 53 0.97 10.50 -12.83
N TYR D 54 -0.11 10.75 -13.57
CA TYR D 54 -0.94 9.69 -14.18
C TYR D 54 -0.26 8.42 -14.67
N SER D 55 0.51 8.51 -15.75
CA SER D 55 1.17 7.32 -16.26
C SER D 55 2.69 7.49 -16.41
N ALA D 56 3.42 7.08 -15.38
CA ALA D 56 4.87 7.17 -15.35
C ALA D 56 5.52 6.31 -16.41
N GLU D 57 6.49 6.86 -17.12
CA GLU D 57 7.17 6.09 -18.14
C GLU D 57 7.96 4.99 -17.47
N LEU D 58 7.83 3.76 -18.00
CA LEU D 58 8.56 2.62 -17.46
C LEU D 58 9.44 2.03 -18.55
N ARG D 59 10.00 0.87 -18.27
CA ARG D 59 10.83 0.14 -19.23
C ARG D 59 10.68 -1.34 -18.97
N ASN D 60 10.56 -2.13 -20.02
CA ASN D 60 10.41 -3.57 -19.88
C ASN D 60 9.29 -3.93 -18.93
N ALA D 61 8.13 -3.31 -19.10
CA ALA D 61 7.02 -3.58 -18.20
C ALA D 61 6.03 -4.61 -18.74
N THR D 62 6.51 -5.57 -19.50
CA THR D 62 5.64 -6.62 -20.02
C THR D 62 6.38 -7.94 -20.02
N ALA D 63 5.70 -8.98 -19.57
CA ALA D 63 6.29 -10.30 -19.51
C ALA D 63 5.21 -11.36 -19.70
N ALA D 64 5.65 -12.60 -19.85
CA ALA D 64 4.73 -13.70 -20.04
C ALA D 64 4.64 -14.61 -18.84
N MET D 65 3.42 -15.00 -18.50
CA MET D 65 3.18 -15.90 -17.39
C MET D 65 3.67 -17.26 -17.85
N LYS D 66 4.63 -17.82 -17.12
CA LYS D 66 5.17 -19.13 -17.44
C LYS D 66 5.19 -19.92 -16.13
N ASN D 67 4.25 -20.84 -15.99
CA ASN D 67 4.15 -21.65 -14.79
C ASN D 67 3.70 -20.77 -13.63
N GLN D 68 2.61 -20.03 -13.85
CA GLN D 68 2.05 -19.15 -12.84
C GLN D 68 2.94 -17.99 -12.39
N VAL D 69 4.04 -17.78 -13.10
CA VAL D 69 4.91 -16.69 -12.73
C VAL D 69 5.41 -15.89 -13.92
N ALA D 70 5.17 -14.59 -13.87
CA ALA D 70 5.63 -13.69 -14.92
C ALA D 70 6.96 -13.08 -14.43
N ARG D 71 8.06 -13.44 -15.08
CA ARG D 71 9.38 -12.93 -14.68
C ARG D 71 9.81 -11.73 -15.51
N PHE D 72 9.59 -10.53 -14.99
CA PHE D 72 9.98 -9.34 -15.75
C PHE D 72 11.47 -9.18 -15.83
N ASN D 73 11.95 -8.92 -17.03
CA ASN D 73 13.39 -8.76 -17.21
C ASN D 73 13.75 -7.26 -17.17
N ASP D 74 14.64 -6.89 -16.25
CA ASP D 74 15.10 -5.51 -16.06
C ASP D 74 14.03 -4.43 -16.02
N LEU D 75 12.92 -4.68 -15.34
CA LEU D 75 11.89 -3.66 -15.28
C LEU D 75 12.54 -2.42 -14.71
N ARG D 76 12.24 -1.26 -15.28
CA ARG D 76 12.78 -0.01 -14.78
C ARG D 76 11.75 1.10 -14.71
N PHE D 77 12.02 2.08 -13.85
CA PHE D 77 11.16 3.23 -13.71
C PHE D 77 11.89 4.44 -14.26
N VAL D 78 11.29 5.09 -15.26
CA VAL D 78 11.89 6.28 -15.86
C VAL D 78 11.29 7.54 -15.25
N GLY D 79 9.97 7.55 -15.13
CA GLY D 79 9.30 8.72 -14.55
C GLY D 79 9.40 8.81 -13.05
N ARG D 80 9.41 10.03 -12.53
CA ARG D 80 9.51 10.23 -11.10
C ARG D 80 8.12 10.32 -10.49
N SER D 81 7.99 9.84 -9.25
CA SER D 81 6.72 9.82 -8.57
C SER D 81 6.45 11.09 -7.80
N GLY D 82 7.51 11.85 -7.52
CA GLY D 82 7.35 13.10 -6.80
C GLY D 82 7.79 13.09 -5.36
N ARG D 83 8.30 14.22 -4.91
CA ARG D 83 8.80 14.35 -3.54
C ARG D 83 7.85 13.75 -2.51
N GLY D 84 8.37 12.79 -1.73
CA GLY D 84 7.58 12.16 -0.69
C GLY D 84 6.41 11.31 -1.13
N LYS D 85 6.27 11.13 -2.44
CA LYS D 85 5.17 10.36 -2.98
C LYS D 85 5.66 9.09 -3.66
N SER D 86 4.83 8.05 -3.64
CA SER D 86 5.21 6.79 -4.26
C SER D 86 4.34 6.48 -5.44
N PHE D 87 4.71 5.44 -6.18
CA PHE D 87 3.94 4.99 -7.33
C PHE D 87 3.07 3.82 -6.92
N THR D 88 1.79 3.88 -7.29
CA THR D 88 0.89 2.76 -7.06
C THR D 88 0.89 2.08 -8.42
N LEU D 89 1.23 0.80 -8.51
CA LEU D 89 1.20 0.19 -9.82
C LEU D 89 0.09 -0.81 -10.01
N THR D 90 -0.58 -0.74 -11.15
CA THR D 90 -1.64 -1.69 -11.45
C THR D 90 -1.01 -2.76 -12.31
N ILE D 91 -1.29 -4.02 -11.99
CA ILE D 91 -0.78 -5.15 -12.74
C ILE D 91 -1.97 -5.68 -13.50
N THR D 92 -1.81 -5.82 -14.79
CA THR D 92 -2.89 -6.31 -15.59
C THR D 92 -2.46 -7.62 -16.18
N VAL D 93 -3.28 -8.64 -15.96
CA VAL D 93 -3.03 -9.97 -16.46
C VAL D 93 -3.99 -10.12 -17.61
N PHE D 94 -3.44 -10.19 -18.81
CA PHE D 94 -4.29 -10.27 -19.98
C PHE D 94 -4.93 -11.58 -20.36
N THR D 95 -5.71 -12.10 -19.43
CA THR D 95 -6.46 -13.31 -19.69
C THR D 95 -7.71 -12.71 -20.31
N ASN D 96 -8.68 -13.54 -20.65
CA ASN D 96 -9.91 -13.02 -21.23
C ASN D 96 -11.09 -13.35 -20.33
N PRO D 97 -11.67 -12.33 -19.66
CA PRO D 97 -11.33 -10.90 -19.68
C PRO D 97 -10.05 -10.60 -18.87
N PRO D 98 -9.43 -9.43 -19.06
CA PRO D 98 -8.21 -9.11 -18.32
C PRO D 98 -8.46 -9.03 -16.83
N GLN D 99 -7.38 -9.17 -16.06
CA GLN D 99 -7.49 -9.10 -14.61
C GLN D 99 -6.49 -8.12 -14.07
N VAL D 100 -6.99 -7.21 -13.24
CA VAL D 100 -6.16 -6.19 -12.69
C VAL D 100 -5.90 -6.42 -11.23
N ALA D 101 -4.71 -6.01 -10.81
CA ALA D 101 -4.30 -6.11 -9.42
C ALA D 101 -3.59 -4.81 -9.13
N THR D 102 -3.84 -4.23 -7.97
CA THR D 102 -3.20 -2.98 -7.61
C THR D 102 -2.24 -3.02 -6.42
N TYR D 103 -1.00 -2.61 -6.68
CA TYR D 103 0.08 -2.58 -5.69
C TYR D 103 0.22 -1.14 -5.21
N HIS D 104 -0.54 -0.78 -4.18
CA HIS D 104 -0.50 0.59 -3.67
C HIS D 104 0.79 1.02 -3.04
N ARG D 105 1.08 2.31 -3.18
CA ARG D 105 2.25 2.90 -2.58
C ARG D 105 3.43 1.94 -2.61
N ALA D 106 3.67 1.41 -3.81
CA ALA D 106 4.73 0.46 -4.05
C ALA D 106 6.17 1.00 -3.99
N ILE D 107 6.48 2.00 -4.79
CA ILE D 107 7.83 2.51 -4.83
C ILE D 107 7.92 3.98 -5.23
N LYS D 108 8.80 4.72 -4.58
CA LYS D 108 9.02 6.13 -4.88
C LYS D 108 10.26 6.29 -5.73
N ILE D 109 10.10 6.91 -6.90
CA ILE D 109 11.22 7.12 -7.81
C ILE D 109 11.68 8.57 -7.91
N THR D 110 12.98 8.79 -7.76
CA THR D 110 13.56 10.12 -7.84
C THR D 110 14.74 10.11 -8.81
N VAL D 111 15.15 11.29 -9.23
CA VAL D 111 16.25 11.43 -10.18
C VAL D 111 17.60 11.00 -9.59
N ASP D 112 17.70 10.99 -8.26
CA ASP D 112 18.92 10.58 -7.57
C ASP D 112 18.77 9.23 -6.88
N GLY D 113 17.61 9.01 -6.29
CA GLY D 113 17.39 7.79 -5.54
C GLY D 113 18.28 7.85 -4.30
N PRO D 114 18.22 6.85 -3.44
CA PRO D 114 19.05 6.84 -2.23
C PRO D 114 20.46 7.33 -2.51
N ARG D 115 21.01 8.13 -1.59
CA ARG D 115 22.35 8.70 -1.75
C ARG D 115 23.07 8.87 -0.45
N GLU D 116 24.39 8.87 -0.54
CA GLU D 116 25.21 9.06 0.64
C GLU D 116 24.84 10.46 1.14
N PRO D 117 24.44 10.57 2.41
CA PRO D 117 24.07 11.86 2.98
C PRO D 117 25.18 12.90 2.79
N ARG D 118 24.79 14.08 2.30
CA ARG D 118 25.72 15.16 2.02
C ARG D 118 26.41 15.73 3.26
#